data_3OB4
#
_entry.id   3OB4
#
_cell.length_a   68.847
_cell.length_b   87.381
_cell.length_c   113.137
_cell.angle_alpha   90.00
_cell.angle_beta   103.93
_cell.angle_gamma   90.00
#
_symmetry.space_group_name_H-M   'C 1 2 1'
#
loop_
_entity.id
_entity.type
_entity.pdbx_description
1 polymer 'Maltose ABC transporter periplasmic protein,Arah 2'
2 branched alpha-D-glucopyranose-(1-4)-alpha-D-glucopyranose-(1-4)-alpha-D-glucopyranose
3 non-polymer 'SULFATE ION'
4 non-polymer 'CHLORIDE ION'
5 water water
#
_entity_poly.entity_id   1
_entity_poly.type   'polypeptide(L)'
_entity_poly.pdbx_seq_one_letter_code
;KIEEGKLVIWINGDKGYNGLAEVGKKFEKDTGIKVTVEHPDKLEEKFPQVAATGDGPDIIFWAHDRFGGYAQSGLLAEIT
PAAAFQDKLYPFTWDAVRYNGKLIAYPIAVEALSLIYNKDLLPNPPKTWEEIPALDKELKAKGKSALMFNLQEPYFTWPL
IAADGGYAFKYAAGKYDIKDVGVDNAGAKAGLTFLVDLIKNKHMNADTDYSIAEAAFNKGETAMTINGPWAWSNIDTSAV
NYGVTVLPTFKGQPSKPFVGVLSAGINAASPNKELAKEFLENYLLTDEGLEAVNKDKPLGAVALKSYEEELAKDPRIAAT
MENAQKGEIMPNIPQMSAFWYAVRTAVINAASGRQTVDAALAAAQTNAAARRCQSQLERANLRPCEQHLMQKIQRDEDSY
ERDPYSPSQDPYSPSPYDRRGAGSSQHQERCCNELNEFENNQRCMCEALQQIMENQSDRLQGRQQEQQFKRELRNLPQQC
GLRAPQRCDLDVESGGRDRY
;
_entity_poly.pdbx_strand_id   A
#
# COMPACT_ATOMS: atom_id res chain seq x y z
N LYS A 1 18.22 11.70 14.14
CA LYS A 1 18.56 10.70 13.13
C LYS A 1 18.36 9.27 13.66
N ILE A 2 19.07 8.32 13.06
CA ILE A 2 18.94 6.91 13.41
C ILE A 2 20.20 6.42 14.10
N GLU A 3 20.06 5.91 15.33
CA GLU A 3 21.23 5.44 16.08
C GLU A 3 21.87 4.19 15.47
N GLU A 4 23.18 4.25 15.27
CA GLU A 4 23.95 3.10 14.82
C GLU A 4 24.18 2.17 16.01
N GLY A 5 23.99 0.86 15.81
CA GLY A 5 24.18 -0.10 16.88
C GLY A 5 22.90 -0.82 17.29
N LYS A 6 21.82 -0.07 17.46
CA LYS A 6 20.53 -0.64 17.78
C LYS A 6 19.77 -0.93 16.47
N LEU A 7 18.73 -1.77 16.56
CA LEU A 7 17.83 -1.97 15.44
C LEU A 7 16.41 -1.60 15.86
N VAL A 8 15.82 -0.62 15.19
CA VAL A 8 14.43 -0.28 15.44
C VAL A 8 13.54 -0.88 14.35
N ILE A 9 12.46 -1.51 14.77
CA ILE A 9 11.57 -2.19 13.84
C ILE A 9 10.14 -1.73 13.99
N TRP A 10 9.51 -1.42 12.87
CA TRP A 10 8.11 -1.04 12.84
C TRP A 10 7.26 -2.13 12.19
N ILE A 11 6.16 -2.46 12.83
CA ILE A 11 5.22 -3.44 12.29
C ILE A 11 3.85 -3.06 12.79
N ASN A 12 2.82 -3.41 12.03
CA ASN A 12 1.46 -3.00 12.35
C ASN A 12 0.92 -3.63 13.64
N GLY A 13 0.08 -2.89 14.34
CA GLY A 13 -0.47 -3.34 15.61
C GLY A 13 -1.26 -4.63 15.57
N ASP A 14 -1.64 -5.08 14.37
CA ASP A 14 -2.47 -6.28 14.26
C ASP A 14 -1.66 -7.53 13.96
N LYS A 15 -0.34 -7.40 14.02
CA LYS A 15 0.57 -8.49 13.72
C LYS A 15 1.24 -9.01 14.99
N GLY A 16 1.91 -10.15 14.88
CA GLY A 16 2.56 -10.75 16.04
C GLY A 16 3.84 -10.05 16.47
N TYR A 17 3.72 -8.82 16.95
CA TYR A 17 4.89 -8.03 17.30
C TYR A 17 5.61 -8.52 18.57
N ASN A 18 4.84 -9.05 19.53
CA ASN A 18 5.44 -9.69 20.68
C ASN A 18 6.29 -10.87 20.20
N GLY A 19 5.71 -11.68 19.35
CA GLY A 19 6.41 -12.82 18.79
C GLY A 19 7.67 -12.42 18.06
N LEU A 20 7.69 -11.20 17.53
CA LEU A 20 8.84 -10.71 16.81
C LEU A 20 9.90 -10.16 17.77
N ALA A 21 9.44 -9.54 18.86
CA ALA A 21 10.35 -9.06 19.90
C ALA A 21 11.20 -10.19 20.48
N GLU A 22 10.63 -11.40 20.54
CA GLU A 22 11.37 -12.55 21.02
C GLU A 22 12.55 -12.81 20.11
N VAL A 23 12.29 -12.84 18.81
CA VAL A 23 13.38 -13.00 17.85
C VAL A 23 14.32 -11.81 18.00
N GLY A 24 13.77 -10.70 18.48
CA GLY A 24 14.57 -9.53 18.75
C GLY A 24 15.55 -9.82 19.87
N LYS A 25 15.08 -10.51 20.90
CA LYS A 25 15.93 -10.86 22.04
C LYS A 25 16.92 -11.99 21.75
N LYS A 26 16.47 -13.06 21.11
CA LYS A 26 17.41 -14.12 20.73
C LYS A 26 18.53 -13.55 19.87
N PHE A 27 18.20 -12.54 19.09
CA PHE A 27 19.18 -11.89 18.25
C PHE A 27 20.13 -11.09 19.12
N GLU A 28 19.60 -10.56 20.22
CA GLU A 28 20.37 -9.74 21.14
C GLU A 28 21.27 -10.59 22.03
N LYS A 29 20.74 -11.72 22.49
CA LYS A 29 21.53 -12.65 23.28
C LYS A 29 22.76 -13.13 22.51
N ASP A 30 22.64 -13.21 21.19
CA ASP A 30 23.72 -13.74 20.36
C ASP A 30 24.56 -12.65 19.74
N THR A 31 24.12 -11.41 19.89
CA THR A 31 24.73 -10.31 19.16
C THR A 31 25.07 -9.16 20.07
N GLY A 32 24.22 -8.93 21.06
CA GLY A 32 24.38 -7.78 21.94
C GLY A 32 23.79 -6.53 21.33
N ILE A 33 23.20 -6.67 20.13
CA ILE A 33 22.56 -5.54 19.47
C ILE A 33 21.10 -5.40 19.91
N LYS A 34 20.76 -4.22 20.46
CA LYS A 34 19.44 -4.00 21.04
C LYS A 34 18.37 -3.84 19.96
N VAL A 35 17.41 -4.77 19.93
CA VAL A 35 16.37 -4.74 18.92
C VAL A 35 15.04 -4.22 19.47
N THR A 36 14.63 -3.06 18.99
CA THR A 36 13.38 -2.44 19.41
C THR A 36 12.27 -2.69 18.40
N VAL A 37 11.11 -3.09 18.91
CA VAL A 37 9.95 -3.36 18.07
C VAL A 37 8.79 -2.47 18.44
N GLU A 38 8.32 -1.67 17.49
CA GLU A 38 7.23 -0.74 17.74
C GLU A 38 6.06 -0.86 16.78
N HIS A 39 4.85 -0.60 17.28
CA HIS A 39 3.65 -0.63 16.46
C HIS A 39 2.88 0.68 16.52
N PRO A 40 3.41 1.72 15.87
CA PRO A 40 2.79 3.05 15.81
C PRO A 40 1.51 3.03 14.95
N ASP A 41 0.68 4.04 15.11
CA ASP A 41 -0.51 4.16 14.29
C ASP A 41 -0.14 4.75 12.94
N LYS A 42 -0.81 4.30 11.88
CA LYS A 42 -0.58 4.85 10.56
C LYS A 42 0.89 4.80 10.17
N LEU A 43 1.59 3.77 10.64
CA LEU A 43 3.02 3.65 10.40
C LEU A 43 3.37 3.62 8.91
N GLU A 44 2.44 3.14 8.08
CA GLU A 44 2.68 3.10 6.64
C GLU A 44 2.56 4.49 6.04
N GLU A 45 1.98 5.41 6.80
CA GLU A 45 1.96 6.81 6.41
C GLU A 45 3.13 7.54 7.05
N LYS A 46 3.31 7.31 8.34
CA LYS A 46 4.38 7.97 9.08
C LYS A 46 5.74 7.70 8.47
N PHE A 47 5.97 6.44 8.08
CA PHE A 47 7.28 6.06 7.55
C PHE A 47 7.71 6.91 6.35
N PRO A 48 6.85 7.00 5.33
CA PRO A 48 7.22 7.86 4.20
C PRO A 48 7.58 9.24 4.69
N GLN A 49 6.85 9.71 5.70
CA GLN A 49 7.06 11.06 6.18
C GLN A 49 8.36 11.25 6.96
N VAL A 50 8.77 10.22 7.69
CA VAL A 50 9.96 10.31 8.53
C VAL A 50 11.23 9.78 7.85
N ALA A 51 11.10 8.68 7.12
CA ALA A 51 12.24 8.10 6.41
C ALA A 51 12.79 9.10 5.40
N ALA A 52 11.93 10.02 4.99
CA ALA A 52 12.28 11.03 4.01
C ALA A 52 13.41 11.91 4.53
N THR A 53 13.24 12.41 5.75
CA THR A 53 14.24 13.29 6.37
C THR A 53 15.48 12.53 6.83
N GLY A 54 15.34 11.22 7.02
CA GLY A 54 16.45 10.40 7.45
C GLY A 54 16.26 9.78 8.82
N ASP A 55 15.02 9.77 9.31
CA ASP A 55 14.72 9.15 10.60
C ASP A 55 13.97 7.83 10.39
N GLY A 56 13.25 7.41 11.42
CA GLY A 56 12.45 6.21 11.33
C GLY A 56 13.19 4.96 11.76
N PRO A 57 12.60 3.79 11.49
CA PRO A 57 13.16 2.50 11.92
C PRO A 57 14.17 2.03 10.91
N ASP A 58 14.96 1.04 11.30
CA ASP A 58 15.90 0.44 10.38
C ASP A 58 15.11 -0.47 9.46
N ILE A 59 14.08 -1.09 10.02
CA ILE A 59 13.27 -2.03 9.28
C ILE A 59 11.80 -1.62 9.31
N ILE A 60 11.13 -1.84 8.18
CA ILE A 60 9.73 -1.48 8.02
C ILE A 60 8.89 -2.67 7.53
N PHE A 61 7.86 -3.00 8.29
CA PHE A 61 6.98 -4.13 7.97
C PHE A 61 5.61 -3.68 7.46
N TRP A 62 5.24 -4.16 6.28
CA TRP A 62 3.90 -3.94 5.74
C TRP A 62 3.65 -4.90 4.60
N ALA A 63 2.45 -4.87 4.04
CA ALA A 63 2.17 -5.67 2.85
C ALA A 63 2.95 -5.08 1.68
N HIS A 64 3.33 -5.94 0.74
CA HIS A 64 4.21 -5.53 -0.35
C HIS A 64 3.71 -4.33 -1.15
N ASP A 65 2.40 -4.13 -1.16
CA ASP A 65 1.79 -3.14 -2.05
C ASP A 65 2.23 -1.70 -1.83
N ARG A 66 2.71 -1.37 -0.64
CA ARG A 66 3.12 -0.01 -0.35
C ARG A 66 4.58 0.26 -0.68
N PHE A 67 5.36 -0.79 -0.85
CA PHE A 67 6.80 -0.65 -0.98
C PHE A 67 7.24 -0.02 -2.32
N GLY A 68 6.46 -0.23 -3.38
CA GLY A 68 6.74 0.41 -4.64
C GLY A 68 6.87 1.92 -4.47
N GLY A 69 5.95 2.48 -3.70
CA GLY A 69 5.95 3.91 -3.43
C GLY A 69 7.18 4.31 -2.68
N TYR A 70 7.49 3.57 -1.62
CA TYR A 70 8.70 3.83 -0.84
C TYR A 70 9.93 3.78 -1.72
N ALA A 71 10.00 2.76 -2.59
CA ALA A 71 11.13 2.62 -3.49
C ALA A 71 11.29 3.86 -4.35
N GLN A 72 10.23 4.20 -5.09
CA GLN A 72 10.28 5.33 -6.00
C GLN A 72 10.80 6.58 -5.30
N SER A 73 10.50 6.69 -4.01
CA SER A 73 10.91 7.83 -3.21
C SER A 73 12.37 7.72 -2.72
N GLY A 74 13.01 6.60 -3.01
CA GLY A 74 14.36 6.34 -2.53
C GLY A 74 14.41 6.19 -1.02
N LEU A 75 13.44 5.48 -0.47
CA LEU A 75 13.36 5.31 0.97
C LEU A 75 13.82 3.91 1.37
N LEU A 76 13.91 3.03 0.39
CA LEU A 76 14.27 1.65 0.64
C LEU A 76 15.63 1.28 0.06
N ALA A 77 16.48 0.72 0.92
CA ALA A 77 17.74 0.15 0.48
C ALA A 77 17.48 -1.19 -0.20
N GLU A 78 18.12 -1.41 -1.35
CA GLU A 78 17.95 -2.66 -2.08
C GLU A 78 18.48 -3.82 -1.26
N ILE A 79 17.79 -4.95 -1.34
CA ILE A 79 18.22 -6.13 -0.61
C ILE A 79 18.74 -7.19 -1.59
N THR A 80 19.79 -7.89 -1.19
CA THR A 80 20.49 -8.81 -2.07
C THR A 80 20.92 -10.08 -1.34
N PRO A 81 20.14 -11.15 -1.51
CA PRO A 81 20.41 -12.45 -0.91
C PRO A 81 21.23 -13.35 -1.82
N ALA A 82 22.21 -14.04 -1.25
CA ALA A 82 22.94 -15.07 -1.99
C ALA A 82 21.93 -16.06 -2.54
N ALA A 83 22.09 -16.45 -3.80
CA ALA A 83 21.17 -17.37 -4.46
C ALA A 83 20.60 -18.43 -3.53
N ALA A 84 21.45 -19.06 -2.74
CA ALA A 84 21.02 -20.10 -1.80
C ALA A 84 19.82 -19.67 -0.97
N PHE A 85 19.99 -18.57 -0.24
CA PHE A 85 18.92 -18.04 0.61
C PHE A 85 17.65 -17.87 -0.18
N GLN A 86 17.76 -17.22 -1.33
CA GLN A 86 16.62 -17.01 -2.21
C GLN A 86 15.91 -18.32 -2.55
N ASP A 87 16.68 -19.40 -2.66
CA ASP A 87 16.13 -20.70 -3.02
C ASP A 87 15.27 -21.27 -1.88
N LYS A 88 15.38 -20.67 -0.71
CA LYS A 88 14.59 -21.12 0.43
C LYS A 88 13.17 -20.54 0.39
N LEU A 89 13.03 -19.35 -0.17
CA LEU A 89 11.72 -18.69 -0.26
C LEU A 89 11.03 -18.93 -1.59
N TYR A 90 9.70 -19.01 -1.55
CA TYR A 90 8.92 -19.24 -2.76
C TYR A 90 9.19 -18.16 -3.81
N PRO A 91 9.24 -18.55 -5.08
CA PRO A 91 9.38 -17.61 -6.20
C PRO A 91 8.29 -16.55 -6.08
N PHE A 92 7.06 -17.02 -6.15
CA PHE A 92 5.89 -16.17 -5.98
C PHE A 92 6.12 -15.01 -5.02
N THR A 93 6.70 -15.27 -3.84
CA THR A 93 6.86 -14.23 -2.83
C THR A 93 7.98 -13.26 -3.15
N TRP A 94 9.00 -13.74 -3.85
CA TRP A 94 10.11 -12.88 -4.24
C TRP A 94 9.65 -11.83 -5.25
N ASP A 95 8.75 -12.23 -6.14
CA ASP A 95 8.22 -11.36 -7.17
C ASP A 95 7.55 -10.13 -6.57
N ALA A 96 6.89 -10.34 -5.44
CA ALA A 96 6.09 -9.31 -4.79
C ALA A 96 6.92 -8.17 -4.20
N VAL A 97 8.19 -8.45 -3.90
CA VAL A 97 9.10 -7.42 -3.42
C VAL A 97 10.06 -6.95 -4.52
N ARG A 98 9.71 -7.30 -5.76
CA ARG A 98 10.52 -6.91 -6.90
C ARG A 98 9.94 -5.67 -7.60
N TYR A 99 10.68 -4.56 -7.58
CA TYR A 99 10.23 -3.35 -8.24
C TYR A 99 11.31 -2.78 -9.16
N ASN A 100 10.97 -2.63 -10.43
CA ASN A 100 11.94 -2.15 -11.42
C ASN A 100 13.11 -3.10 -11.54
N GLY A 101 12.82 -4.40 -11.45
CA GLY A 101 13.87 -5.41 -11.51
C GLY A 101 14.81 -5.42 -10.33
N LYS A 102 14.35 -4.89 -9.20
CA LYS A 102 15.16 -4.92 -7.99
C LYS A 102 14.36 -5.46 -6.79
N LEU A 103 15.07 -6.12 -5.88
CA LEU A 103 14.45 -6.56 -4.63
C LEU A 103 14.51 -5.42 -3.65
N ILE A 104 13.36 -5.03 -3.13
CA ILE A 104 13.30 -3.85 -2.27
C ILE A 104 12.86 -4.20 -0.83
N ALA A 105 12.40 -5.43 -0.64
CA ALA A 105 12.12 -5.90 0.71
C ALA A 105 12.22 -7.41 0.81
N TYR A 106 12.14 -7.94 2.03
CA TYR A 106 12.14 -9.37 2.28
C TYR A 106 10.72 -9.88 2.49
N PRO A 107 10.34 -10.92 1.76
CA PRO A 107 9.02 -11.53 1.93
C PRO A 107 8.94 -12.27 3.25
N ILE A 108 7.78 -12.29 3.89
CA ILE A 108 7.62 -13.00 5.16
C ILE A 108 6.52 -14.04 5.08
N ALA A 109 5.33 -13.61 4.66
CA ALA A 109 4.19 -14.51 4.61
C ALA A 109 3.14 -14.05 3.60
N VAL A 110 2.40 -15.01 3.08
CA VAL A 110 1.31 -14.73 2.16
C VAL A 110 0.01 -14.60 2.94
N GLU A 111 -0.67 -13.49 2.75
CA GLU A 111 -1.95 -13.22 3.40
C GLU A 111 -3.10 -13.24 2.44
N ALA A 112 -4.25 -13.72 2.92
CA ALA A 112 -5.48 -13.67 2.17
C ALA A 112 -6.64 -13.80 3.13
N LEU A 113 -7.76 -13.16 2.82
CA LEU A 113 -8.93 -13.21 3.66
C LEU A 113 -9.70 -14.49 3.42
N SER A 114 -10.34 -15.00 4.47
CA SER A 114 -11.25 -16.13 4.35
C SER A 114 -12.54 -15.84 5.08
N LEU A 115 -13.52 -16.72 4.89
CA LEU A 115 -14.77 -16.63 5.61
C LEU A 115 -14.70 -17.44 6.89
N ILE A 116 -14.96 -16.79 8.01
CA ILE A 116 -14.84 -17.43 9.32
C ILE A 116 -16.21 -17.58 9.97
N TYR A 117 -16.59 -18.82 10.30
CA TYR A 117 -17.93 -19.07 10.81
C TYR A 117 -17.94 -19.75 12.16
N ASN A 118 -18.97 -19.44 12.96
CA ASN A 118 -19.19 -20.05 14.25
C ASN A 118 -19.92 -21.39 14.11
N LYS A 119 -19.20 -22.49 14.32
CA LYS A 119 -19.72 -23.83 14.10
C LYS A 119 -20.92 -24.12 15.00
N ASP A 120 -21.00 -23.39 16.10
CA ASP A 120 -22.15 -23.49 16.97
C ASP A 120 -23.36 -22.90 16.26
N LEU A 121 -23.25 -21.62 15.88
CA LEU A 121 -24.37 -20.91 15.26
C LEU A 121 -24.70 -21.40 13.85
N LEU A 122 -23.70 -21.95 13.17
CA LEU A 122 -23.85 -22.24 11.75
C LEU A 122 -22.92 -23.37 11.33
N PRO A 123 -23.34 -24.60 11.58
CA PRO A 123 -22.56 -25.78 11.20
C PRO A 123 -22.16 -25.71 9.74
N ASN A 124 -23.13 -25.37 8.88
CA ASN A 124 -22.90 -25.31 7.45
C ASN A 124 -22.94 -23.89 6.94
N PRO A 125 -21.76 -23.32 6.64
CA PRO A 125 -21.61 -21.97 6.12
C PRO A 125 -22.06 -21.89 4.66
N PRO A 126 -22.58 -20.71 4.24
CA PRO A 126 -23.17 -20.53 2.91
C PRO A 126 -22.14 -20.62 1.80
N LYS A 127 -22.59 -21.05 0.64
CA LYS A 127 -21.75 -21.10 -0.54
C LYS A 127 -21.74 -19.78 -1.26
N THR A 128 -22.82 -19.02 -1.11
CA THR A 128 -23.05 -17.81 -1.90
C THR A 128 -23.43 -16.60 -1.04
N TRP A 129 -23.02 -15.42 -1.49
CA TRP A 129 -23.45 -14.17 -0.87
C TRP A 129 -24.98 -14.07 -0.87
N GLU A 130 -25.57 -14.52 -1.98
CA GLU A 130 -27.01 -14.45 -2.17
C GLU A 130 -27.77 -15.17 -1.05
N GLU A 131 -27.16 -16.20 -0.47
CA GLU A 131 -27.81 -16.98 0.60
C GLU A 131 -27.93 -16.20 1.90
N ILE A 132 -27.11 -15.18 2.04
CA ILE A 132 -26.94 -14.52 3.33
C ILE A 132 -28.16 -13.78 3.89
N PRO A 133 -28.85 -12.99 3.05
CA PRO A 133 -30.05 -12.28 3.52
C PRO A 133 -31.04 -13.22 4.18
N ALA A 134 -31.27 -14.38 3.58
CA ALA A 134 -32.13 -15.39 4.20
C ALA A 134 -31.62 -15.75 5.59
N LEU A 135 -30.34 -16.08 5.67
CA LEU A 135 -29.71 -16.42 6.94
C LEU A 135 -29.92 -15.36 8.00
N ASP A 136 -29.44 -14.15 7.74
CA ASP A 136 -29.55 -13.09 8.71
C ASP A 136 -30.97 -13.00 9.26
N LYS A 137 -31.95 -13.15 8.37
CA LYS A 137 -33.36 -13.09 8.77
C LYS A 137 -33.62 -14.19 9.79
N GLU A 138 -33.28 -15.42 9.40
CA GLU A 138 -33.36 -16.56 10.28
C GLU A 138 -32.61 -16.31 11.60
N LEU A 139 -31.41 -15.77 11.51
CA LEU A 139 -30.58 -15.58 12.70
C LEU A 139 -31.04 -14.44 13.60
N LYS A 140 -31.54 -13.38 12.99
CA LYS A 140 -32.05 -12.25 13.77
C LYS A 140 -33.14 -12.73 14.71
N ALA A 141 -33.89 -13.73 14.25
CA ALA A 141 -34.92 -14.37 15.05
C ALA A 141 -34.33 -14.95 16.34
N LYS A 142 -33.20 -15.66 16.22
CA LYS A 142 -32.56 -16.28 17.37
C LYS A 142 -31.78 -15.27 18.20
N GLY A 143 -31.85 -13.99 17.81
CA GLY A 143 -31.17 -12.93 18.53
C GLY A 143 -29.73 -12.69 18.09
N LYS A 144 -29.35 -13.27 16.96
CA LYS A 144 -27.98 -13.13 16.45
C LYS A 144 -27.98 -12.43 15.10
N SER A 145 -26.81 -12.37 14.45
CA SER A 145 -26.75 -11.95 13.05
C SER A 145 -25.85 -12.85 12.21
N ALA A 146 -26.08 -12.82 10.89
CA ALA A 146 -25.38 -13.70 9.96
C ALA A 146 -23.91 -13.32 9.76
N LEU A 147 -23.65 -12.04 9.57
CA LEU A 147 -22.32 -11.63 9.15
C LEU A 147 -21.94 -10.23 9.63
N MET A 148 -20.68 -10.10 10.02
CA MET A 148 -20.13 -8.80 10.41
C MET A 148 -18.65 -8.75 10.08
N PHE A 149 -18.26 -7.79 9.24
CA PHE A 149 -16.84 -7.55 9.02
C PHE A 149 -16.55 -6.06 8.89
N ASN A 150 -15.27 -5.71 8.90
CA ASN A 150 -14.83 -4.33 8.79
C ASN A 150 -15.26 -3.70 7.46
N LEU A 151 -16.04 -2.63 7.53
CA LEU A 151 -16.51 -1.94 6.33
C LEU A 151 -15.72 -0.66 6.07
N GLN A 152 -14.97 -0.20 7.08
CA GLN A 152 -14.20 1.03 7.00
C GLN A 152 -12.97 0.90 6.12
N GLU A 153 -12.60 -0.33 5.81
CA GLU A 153 -11.43 -0.60 4.98
C GLU A 153 -11.81 -1.38 3.74
N PRO A 154 -11.32 -0.94 2.58
CA PRO A 154 -11.63 -1.51 1.26
C PRO A 154 -11.13 -2.93 1.17
N TYR A 155 -10.01 -3.20 1.84
CA TYR A 155 -9.37 -4.49 1.78
C TYR A 155 -10.37 -5.60 1.98
N PHE A 156 -11.33 -5.36 2.88
CA PHE A 156 -12.29 -6.39 3.28
C PHE A 156 -13.44 -6.52 2.31
N THR A 157 -13.89 -5.41 1.75
CA THR A 157 -15.08 -5.41 0.91
C THR A 157 -14.72 -5.63 -0.54
N TRP A 158 -13.43 -5.65 -0.83
CA TRP A 158 -12.95 -5.80 -2.20
C TRP A 158 -13.14 -7.19 -2.81
N PRO A 159 -13.07 -8.24 -1.98
CA PRO A 159 -13.24 -9.58 -2.54
C PRO A 159 -14.58 -9.74 -3.24
N LEU A 160 -15.59 -9.02 -2.77
CA LEU A 160 -16.92 -9.12 -3.34
C LEU A 160 -17.00 -8.25 -4.57
N ILE A 161 -16.43 -7.05 -4.46
CA ILE A 161 -16.39 -6.12 -5.57
C ILE A 161 -15.69 -6.74 -6.76
N ALA A 162 -14.60 -7.45 -6.49
CA ALA A 162 -13.76 -8.02 -7.54
C ALA A 162 -14.39 -9.24 -8.18
N ALA A 163 -15.33 -9.86 -7.46
CA ALA A 163 -15.87 -11.16 -7.82
C ALA A 163 -16.36 -11.24 -9.27
N ASP A 164 -17.23 -10.31 -9.67
CA ASP A 164 -17.86 -10.39 -10.98
C ASP A 164 -17.24 -9.44 -12.01
N GLY A 165 -15.95 -9.11 -11.84
CA GLY A 165 -15.26 -8.35 -12.87
C GLY A 165 -14.38 -7.21 -12.41
N GLY A 166 -14.54 -6.80 -11.16
CA GLY A 166 -13.78 -5.68 -10.62
C GLY A 166 -12.29 -5.91 -10.60
N TYR A 167 -11.55 -4.89 -11.00
CA TYR A 167 -10.09 -4.90 -10.87
C TYR A 167 -9.55 -3.52 -10.61
N ALA A 168 -8.29 -3.45 -10.22
CA ALA A 168 -7.64 -2.18 -9.98
C ALA A 168 -7.11 -1.63 -11.29
N PHE A 169 -5.88 -2.01 -11.63
CA PHE A 169 -5.27 -1.60 -12.88
C PHE A 169 -5.05 -2.80 -13.76
N LYS A 170 -5.49 -2.75 -15.01
CA LYS A 170 -5.22 -3.84 -15.93
C LYS A 170 -3.72 -4.06 -16.13
N TYR A 171 -3.36 -5.32 -16.31
CA TYR A 171 -1.97 -5.67 -16.59
C TYR A 171 -1.79 -5.88 -18.09
N ALA A 172 -1.26 -4.86 -18.77
CA ALA A 172 -1.12 -4.88 -20.21
C ALA A 172 0.33 -5.01 -20.64
N ALA A 173 0.71 -6.19 -21.12
CA ALA A 173 2.03 -6.39 -21.69
C ALA A 173 3.12 -6.04 -20.68
N GLY A 174 3.17 -6.81 -19.59
CA GLY A 174 4.23 -6.65 -18.61
C GLY A 174 4.17 -5.41 -17.75
N LYS A 175 3.05 -4.69 -17.82
CA LYS A 175 2.92 -3.47 -17.03
C LYS A 175 1.49 -3.14 -16.68
N TYR A 176 1.31 -2.37 -15.62
CA TYR A 176 -0.01 -1.93 -15.19
C TYR A 176 -0.38 -0.62 -15.89
N ASP A 177 -1.53 -0.61 -16.56
CA ASP A 177 -2.00 0.60 -17.21
C ASP A 177 -2.81 1.38 -16.19
N ILE A 178 -2.16 2.33 -15.53
CA ILE A 178 -2.83 3.07 -14.46
C ILE A 178 -3.89 4.01 -15.00
N LYS A 179 -4.21 3.90 -16.27
CA LYS A 179 -5.31 4.67 -16.84
C LYS A 179 -6.47 3.73 -17.12
N ASP A 180 -6.20 2.44 -16.99
CA ASP A 180 -7.23 1.41 -17.16
C ASP A 180 -7.65 0.86 -15.81
N VAL A 181 -8.61 1.54 -15.21
CA VAL A 181 -9.07 1.21 -13.87
C VAL A 181 -10.43 0.54 -13.93
N GLY A 182 -10.55 -0.63 -13.33
CA GLY A 182 -11.79 -1.37 -13.38
C GLY A 182 -12.56 -1.42 -12.08
N VAL A 183 -12.82 -0.26 -11.48
CA VAL A 183 -13.62 -0.23 -10.27
C VAL A 183 -15.01 0.30 -10.56
N ASP A 184 -15.28 0.63 -11.83
CA ASP A 184 -16.53 1.28 -12.19
C ASP A 184 -17.28 0.50 -13.27
N ASN A 185 -16.89 -0.76 -13.46
CA ASN A 185 -17.55 -1.62 -14.44
C ASN A 185 -18.75 -2.37 -13.87
N ALA A 186 -19.48 -3.05 -14.75
CA ALA A 186 -20.69 -3.76 -14.36
C ALA A 186 -20.46 -4.61 -13.12
N GLY A 187 -19.34 -5.31 -13.09
CA GLY A 187 -19.02 -6.21 -12.01
C GLY A 187 -18.90 -5.48 -10.69
N ALA A 188 -17.97 -4.54 -10.64
CA ALA A 188 -17.75 -3.79 -9.43
C ALA A 188 -19.07 -3.24 -8.90
N LYS A 189 -19.86 -2.63 -9.79
CA LYS A 189 -21.15 -2.07 -9.39
C LYS A 189 -22.01 -3.15 -8.78
N ALA A 190 -22.17 -4.26 -9.50
CA ALA A 190 -22.95 -5.39 -9.03
C ALA A 190 -22.54 -5.77 -7.61
N GLY A 191 -21.23 -5.87 -7.41
CA GLY A 191 -20.67 -6.27 -6.13
C GLY A 191 -20.95 -5.28 -5.02
N LEU A 192 -20.59 -4.02 -5.25
CA LEU A 192 -20.83 -2.98 -4.25
C LEU A 192 -22.32 -2.85 -3.99
N THR A 193 -23.10 -2.98 -5.06
CA THR A 193 -24.55 -2.90 -4.95
C THR A 193 -25.10 -3.92 -3.96
N PHE A 194 -24.73 -5.18 -4.17
CA PHE A 194 -25.17 -6.23 -3.27
C PHE A 194 -24.80 -5.88 -1.84
N LEU A 195 -23.61 -5.32 -1.68
CA LEU A 195 -23.12 -4.96 -0.38
C LEU A 195 -23.99 -3.91 0.29
N VAL A 196 -24.28 -2.85 -0.46
CA VAL A 196 -25.10 -1.77 0.05
C VAL A 196 -26.49 -2.29 0.38
N ASP A 197 -27.05 -3.07 -0.54
CA ASP A 197 -28.35 -3.68 -0.31
C ASP A 197 -28.40 -4.42 1.02
N LEU A 198 -27.34 -5.15 1.35
CA LEU A 198 -27.25 -5.82 2.64
C LEU A 198 -27.48 -4.82 3.75
N ILE A 199 -26.82 -3.69 3.63
CA ILE A 199 -26.97 -2.63 4.61
C ILE A 199 -28.40 -2.08 4.62
N LYS A 200 -28.90 -1.70 3.44
CA LYS A 200 -30.24 -1.12 3.31
C LYS A 200 -31.29 -2.00 3.96
N ASN A 201 -31.03 -3.29 4.00
CA ASN A 201 -31.99 -4.25 4.54
C ASN A 201 -31.75 -4.63 6.00
N LYS A 202 -30.93 -3.85 6.69
CA LYS A 202 -30.65 -4.07 8.10
C LYS A 202 -29.83 -5.34 8.36
N HIS A 203 -29.26 -5.92 7.32
CA HIS A 203 -28.49 -7.14 7.48
C HIS A 203 -27.08 -6.89 8.01
N MET A 204 -26.53 -5.72 7.69
CA MET A 204 -25.36 -5.21 8.42
C MET A 204 -25.37 -3.68 8.49
N ASN A 205 -24.41 -3.12 9.22
CA ASN A 205 -24.39 -1.69 9.50
C ASN A 205 -23.18 -0.97 8.93
N ALA A 206 -23.43 0.08 8.16
CA ALA A 206 -22.38 0.82 7.46
C ALA A 206 -21.25 1.23 8.39
N ASP A 207 -21.58 1.40 9.66
CA ASP A 207 -20.64 1.93 10.64
C ASP A 207 -19.73 0.85 11.22
N THR A 208 -20.08 -0.41 10.97
CA THR A 208 -19.31 -1.54 11.47
C THR A 208 -17.85 -1.50 11.03
N ASP A 209 -16.95 -1.43 12.01
CA ASP A 209 -15.53 -1.41 11.74
C ASP A 209 -14.88 -2.71 12.21
N TYR A 210 -13.55 -2.74 12.25
CA TYR A 210 -12.82 -3.95 12.61
C TYR A 210 -13.14 -4.45 14.01
N SER A 211 -12.83 -3.64 15.01
CA SER A 211 -12.95 -4.04 16.40
C SER A 211 -14.39 -4.43 16.74
N ILE A 212 -15.34 -3.67 16.21
CA ILE A 212 -16.74 -3.98 16.40
C ILE A 212 -17.09 -5.37 15.85
N ALA A 213 -16.61 -5.69 14.65
CA ALA A 213 -16.82 -7.02 14.07
C ALA A 213 -16.10 -8.10 14.87
N GLU A 214 -14.83 -7.86 15.20
CA GLU A 214 -14.06 -8.85 15.95
C GLU A 214 -14.73 -9.19 17.27
N ALA A 215 -15.12 -8.16 18.00
CA ALA A 215 -15.77 -8.35 19.28
C ALA A 215 -17.05 -9.14 19.10
N ALA A 216 -17.83 -8.75 18.10
CA ALA A 216 -19.11 -9.39 17.83
C ALA A 216 -18.94 -10.86 17.57
N PHE A 217 -17.95 -11.20 16.74
CA PHE A 217 -17.73 -12.59 16.41
C PHE A 217 -17.14 -13.36 17.57
N ASN A 218 -16.16 -12.76 18.25
CA ASN A 218 -15.47 -13.42 19.35
C ASN A 218 -16.31 -13.59 20.61
N LYS A 219 -17.40 -12.82 20.72
CA LYS A 219 -18.33 -12.95 21.81
C LYS A 219 -19.57 -13.73 21.37
N GLY A 220 -19.51 -14.30 20.16
CA GLY A 220 -20.55 -15.18 19.65
C GLY A 220 -21.86 -14.51 19.31
N GLU A 221 -21.79 -13.30 18.80
CA GLU A 221 -22.99 -12.51 18.48
C GLU A 221 -23.37 -12.58 16.99
N THR A 222 -22.42 -12.93 16.14
CA THR A 222 -22.69 -13.05 14.71
C THR A 222 -22.11 -14.37 14.17
N ALA A 223 -22.81 -14.96 13.20
CA ALA A 223 -22.43 -16.28 12.70
C ALA A 223 -21.17 -16.28 11.84
N MET A 224 -20.83 -15.14 11.26
CA MET A 224 -19.73 -15.11 10.30
C MET A 224 -18.98 -13.79 10.32
N THR A 225 -17.70 -13.88 10.00
CA THR A 225 -16.90 -12.70 9.77
C THR A 225 -15.92 -12.96 8.63
N ILE A 226 -15.25 -11.91 8.17
CA ILE A 226 -14.26 -12.05 7.13
C ILE A 226 -12.98 -11.38 7.59
N ASN A 227 -11.89 -12.15 7.64
CA ASN A 227 -10.66 -11.63 8.20
C ASN A 227 -9.46 -12.48 7.79
N GLY A 228 -8.28 -12.11 8.27
CA GLY A 228 -7.04 -12.75 7.88
C GLY A 228 -6.40 -13.52 9.03
N PRO A 229 -5.40 -14.34 8.71
CA PRO A 229 -4.77 -15.24 9.67
C PRO A 229 -4.44 -14.56 10.98
N TRP A 230 -4.01 -13.30 10.90
CA TRP A 230 -3.61 -12.56 12.10
C TRP A 230 -4.69 -12.61 13.19
N ALA A 231 -5.94 -12.72 12.76
CA ALA A 231 -7.07 -12.64 13.69
C ALA A 231 -7.34 -13.97 14.38
N TRP A 232 -6.62 -15.01 13.98
CA TRP A 232 -6.91 -16.34 14.52
C TRP A 232 -6.64 -16.45 16.01
N SER A 233 -5.56 -15.84 16.48
CA SER A 233 -5.22 -15.89 17.90
C SER A 233 -6.37 -15.47 18.81
N ASN A 234 -6.91 -14.27 18.59
CA ASN A 234 -7.95 -13.78 19.47
C ASN A 234 -9.14 -14.71 19.56
N ILE A 235 -9.47 -15.36 18.44
CA ILE A 235 -10.56 -16.32 18.43
C ILE A 235 -10.18 -17.55 19.23
N ASP A 236 -8.97 -18.04 19.01
CA ASP A 236 -8.42 -19.16 19.78
C ASP A 236 -8.59 -18.94 21.28
N THR A 237 -8.71 -17.68 21.67
CA THR A 237 -8.84 -17.29 23.07
C THR A 237 -10.30 -17.25 23.52
N SER A 238 -11.23 -17.32 22.56
CA SER A 238 -12.57 -16.79 22.77
C SER A 238 -13.68 -17.82 23.01
N ALA A 239 -13.33 -19.08 23.15
CA ALA A 239 -14.35 -20.08 23.49
C ALA A 239 -15.28 -20.41 22.32
N VAL A 240 -15.30 -19.55 21.31
CA VAL A 240 -16.04 -19.85 20.08
C VAL A 240 -15.36 -20.96 19.28
N ASN A 241 -16.16 -21.93 18.82
CA ASN A 241 -15.65 -22.99 17.97
C ASN A 241 -15.81 -22.59 16.50
N TYR A 242 -14.71 -22.28 15.83
CA TYR A 242 -14.78 -21.69 14.49
C TYR A 242 -14.10 -22.51 13.41
N GLY A 243 -14.64 -22.39 12.20
CA GLY A 243 -14.00 -22.93 11.02
C GLY A 243 -13.55 -21.81 10.11
N VAL A 244 -12.58 -22.10 9.25
CA VAL A 244 -12.09 -21.15 8.26
C VAL A 244 -12.28 -21.77 6.89
N THR A 245 -13.08 -21.14 6.07
CA THR A 245 -13.48 -21.71 4.79
C THR A 245 -13.39 -20.69 3.64
N VAL A 246 -13.66 -21.16 2.43
CA VAL A 246 -13.58 -20.33 1.24
C VAL A 246 -14.66 -19.26 1.33
N LEU A 247 -14.33 -18.06 0.89
CA LEU A 247 -15.31 -16.97 0.85
C LEU A 247 -16.48 -17.38 -0.05
N PRO A 248 -17.68 -16.84 0.21
CA PRO A 248 -18.83 -17.19 -0.63
C PRO A 248 -18.64 -16.75 -2.06
N THR A 249 -19.44 -17.29 -2.95
CA THR A 249 -19.42 -16.84 -4.34
C THR A 249 -20.44 -15.73 -4.51
N PHE A 250 -20.26 -14.95 -5.58
CA PHE A 250 -21.23 -13.94 -5.95
C PHE A 250 -21.51 -14.11 -7.43
N LYS A 251 -22.77 -13.95 -7.82
CA LYS A 251 -23.17 -14.20 -9.20
C LYS A 251 -22.41 -15.37 -9.79
N GLY A 252 -22.17 -16.39 -8.96
CA GLY A 252 -21.57 -17.62 -9.43
C GLY A 252 -20.05 -17.65 -9.47
N GLN A 253 -19.41 -16.51 -9.25
CA GLN A 253 -17.96 -16.49 -9.22
C GLN A 253 -17.46 -16.40 -7.79
N PRO A 254 -16.24 -16.91 -7.55
CA PRO A 254 -15.58 -16.82 -6.25
C PRO A 254 -15.24 -15.39 -5.89
N SER A 255 -15.36 -15.04 -4.61
CA SER A 255 -14.87 -13.77 -4.15
C SER A 255 -13.38 -13.76 -4.44
N LYS A 256 -12.82 -12.60 -4.74
CA LYS A 256 -11.44 -12.54 -5.19
C LYS A 256 -10.59 -11.59 -4.35
N PRO A 257 -10.11 -12.06 -3.20
CA PRO A 257 -9.38 -11.22 -2.27
C PRO A 257 -8.12 -10.69 -2.91
N PHE A 258 -7.73 -9.48 -2.54
CA PHE A 258 -6.43 -8.99 -2.91
C PHE A 258 -5.37 -9.67 -2.07
N VAL A 259 -4.67 -10.62 -2.65
CA VAL A 259 -3.62 -11.32 -1.91
C VAL A 259 -2.46 -10.39 -1.68
N GLY A 260 -2.02 -10.31 -0.43
CA GLY A 260 -0.91 -9.46 -0.07
C GLY A 260 0.17 -10.25 0.64
N VAL A 261 1.41 -9.82 0.49
CA VAL A 261 2.57 -10.52 1.02
C VAL A 261 3.31 -9.62 2.02
N LEU A 262 3.21 -9.97 3.29
CA LEU A 262 3.89 -9.23 4.34
C LEU A 262 5.37 -9.12 4.01
N SER A 263 5.89 -7.91 4.01
CA SER A 263 7.27 -7.68 3.60
C SER A 263 8.03 -6.86 4.61
N ALA A 264 9.34 -7.07 4.66
CA ALA A 264 10.20 -6.33 5.55
C ALA A 264 11.25 -5.63 4.71
N GLY A 265 11.29 -4.31 4.83
CA GLY A 265 12.18 -3.50 4.01
C GLY A 265 13.10 -2.69 4.88
N ILE A 266 14.30 -2.45 4.37
CA ILE A 266 15.31 -1.76 5.16
C ILE A 266 15.40 -0.29 4.81
N ASN A 267 15.39 0.55 5.84
CA ASN A 267 15.43 1.98 5.63
C ASN A 267 16.72 2.36 4.88
N ALA A 268 16.55 2.98 3.71
CA ALA A 268 17.70 3.33 2.89
C ALA A 268 18.52 4.46 3.49
N ALA A 269 18.21 4.82 4.73
CA ALA A 269 18.94 5.86 5.45
C ALA A 269 19.45 5.33 6.78
N SER A 270 19.37 4.01 6.94
CA SER A 270 19.83 3.37 8.16
C SER A 270 21.29 2.96 8.05
N PRO A 271 22.06 3.19 9.12
CA PRO A 271 23.47 2.81 9.22
C PRO A 271 23.63 1.31 9.40
N ASN A 272 22.58 0.66 9.91
CA ASN A 272 22.63 -0.72 10.33
C ASN A 272 22.16 -1.70 9.27
N LYS A 273 22.49 -1.42 8.02
CA LYS A 273 21.99 -2.23 6.90
C LYS A 273 22.43 -3.69 7.00
N GLU A 274 23.65 -3.92 7.47
CA GLU A 274 24.18 -5.27 7.61
C GLU A 274 23.44 -6.04 8.71
N LEU A 275 23.34 -5.41 9.87
CA LEU A 275 22.62 -6.00 10.99
C LEU A 275 21.22 -6.36 10.55
N ALA A 276 20.54 -5.41 9.93
CA ALA A 276 19.19 -5.63 9.44
C ALA A 276 19.15 -6.89 8.59
N LYS A 277 20.01 -6.97 7.59
CA LYS A 277 20.01 -8.11 6.68
C LYS A 277 20.23 -9.39 7.46
N GLU A 278 21.18 -9.35 8.38
CA GLU A 278 21.48 -10.54 9.17
C GLU A 278 20.29 -10.91 10.05
N PHE A 279 19.64 -9.91 10.62
CA PHE A 279 18.48 -10.18 11.46
C PHE A 279 17.42 -10.93 10.66
N LEU A 280 16.98 -10.31 9.57
CA LEU A 280 15.89 -10.86 8.77
C LEU A 280 16.26 -12.20 8.12
N GLU A 281 17.49 -12.30 7.63
CA GLU A 281 17.93 -13.51 6.93
C GLU A 281 18.25 -14.68 7.87
N ASN A 282 18.90 -14.38 8.99
CA ASN A 282 19.41 -15.43 9.88
C ASN A 282 18.57 -15.71 11.11
N TYR A 283 17.63 -14.83 11.43
CA TYR A 283 16.83 -15.01 12.62
C TYR A 283 15.36 -15.06 12.31
N LEU A 284 14.83 -14.01 11.71
CA LEU A 284 13.42 -13.95 11.36
C LEU A 284 13.05 -15.02 10.35
N LEU A 285 13.76 -15.04 9.23
CA LEU A 285 13.45 -15.99 8.18
C LEU A 285 14.06 -17.36 8.46
N THR A 286 13.72 -17.90 9.63
CA THR A 286 14.11 -19.24 10.03
C THR A 286 12.91 -19.91 10.64
N ASP A 287 12.95 -21.23 10.74
CA ASP A 287 11.83 -21.98 11.29
C ASP A 287 11.50 -21.58 12.73
N GLU A 288 12.54 -21.26 13.52
CA GLU A 288 12.31 -20.83 14.89
C GLU A 288 11.75 -19.42 14.90
N GLY A 289 12.39 -18.54 14.13
CA GLY A 289 11.97 -17.15 14.06
C GLY A 289 10.51 -17.00 13.67
N LEU A 290 10.17 -17.54 12.50
CA LEU A 290 8.80 -17.46 12.01
C LEU A 290 7.83 -18.05 13.02
N GLU A 291 8.18 -19.23 13.56
CA GLU A 291 7.38 -19.85 14.60
C GLU A 291 7.11 -18.89 15.75
N ALA A 292 8.18 -18.32 16.30
CA ALA A 292 8.05 -17.36 17.39
C ALA A 292 6.96 -16.33 17.10
N VAL A 293 6.99 -15.78 15.89
CA VAL A 293 6.02 -14.78 15.46
C VAL A 293 4.66 -15.42 15.22
N ASN A 294 4.64 -16.45 14.38
CA ASN A 294 3.42 -17.18 14.11
C ASN A 294 2.70 -17.62 15.39
N LYS A 295 3.45 -17.74 16.49
CA LYS A 295 2.86 -18.11 17.78
C LYS A 295 2.07 -16.92 18.32
N ASP A 296 2.66 -15.74 18.26
CA ASP A 296 2.01 -14.55 18.75
C ASP A 296 0.75 -14.37 17.94
N LYS A 297 0.92 -14.36 16.62
CA LYS A 297 -0.19 -14.17 15.70
C LYS A 297 0.15 -14.77 14.35
N PRO A 298 -0.68 -15.71 13.90
CA PRO A 298 -0.50 -16.49 12.67
C PRO A 298 -0.16 -15.59 11.47
N LEU A 299 0.85 -16.01 10.70
CA LEU A 299 1.35 -15.22 9.60
C LEU A 299 0.63 -15.48 8.29
N GLY A 300 -0.09 -16.60 8.23
CA GLY A 300 -0.61 -17.08 6.97
C GLY A 300 0.37 -18.08 6.41
N ALA A 301 0.47 -18.16 5.09
CA ALA A 301 1.40 -19.07 4.43
C ALA A 301 2.79 -18.44 4.32
N VAL A 302 3.67 -18.78 5.26
CA VAL A 302 4.99 -18.15 5.33
C VAL A 302 5.80 -18.32 4.04
N ALA A 303 6.70 -17.38 3.79
CA ALA A 303 7.49 -17.35 2.57
C ALA A 303 8.52 -18.48 2.51
N LEU A 304 9.08 -18.81 3.66
CA LEU A 304 10.09 -19.86 3.79
C LEU A 304 9.51 -21.26 3.56
N LYS A 305 10.05 -21.96 2.57
CA LYS A 305 9.56 -23.27 2.13
C LYS A 305 9.49 -24.33 3.24
N SER A 306 10.45 -24.32 4.15
CA SER A 306 10.55 -25.40 5.13
C SER A 306 9.44 -25.30 6.16
N TYR A 307 9.30 -24.13 6.77
CA TYR A 307 8.29 -23.94 7.80
C TYR A 307 6.90 -24.06 7.21
N GLU A 308 6.71 -23.55 6.00
CA GLU A 308 5.41 -23.65 5.35
C GLU A 308 5.05 -25.10 5.10
N GLU A 309 6.07 -25.92 4.87
CA GLU A 309 5.85 -27.35 4.70
C GLU A 309 5.17 -27.89 5.96
N GLU A 310 5.53 -27.33 7.10
CA GLU A 310 4.86 -27.61 8.38
C GLU A 310 3.46 -26.98 8.44
N LEU A 311 3.41 -25.67 8.27
CA LEU A 311 2.15 -24.94 8.38
C LEU A 311 1.06 -25.43 7.45
N ALA A 312 1.47 -25.92 6.28
CA ALA A 312 0.52 -26.33 5.26
C ALA A 312 -0.51 -27.34 5.76
N LYS A 313 -0.11 -28.13 6.76
CA LYS A 313 -0.98 -29.16 7.33
C LYS A 313 -2.23 -28.56 7.98
N ASP A 314 -2.12 -27.32 8.44
CA ASP A 314 -3.24 -26.63 9.08
C ASP A 314 -4.34 -26.29 8.07
N PRO A 315 -5.50 -26.94 8.23
CA PRO A 315 -6.66 -26.70 7.36
C PRO A 315 -6.94 -25.22 7.17
N ARG A 316 -6.73 -24.40 8.19
CA ARG A 316 -6.98 -22.97 8.10
C ARG A 316 -6.08 -22.34 7.03
N ILE A 317 -4.82 -22.74 7.03
CA ILE A 317 -3.87 -22.28 6.02
C ILE A 317 -4.32 -22.77 4.63
N ALA A 318 -4.86 -23.98 4.58
CA ALA A 318 -5.34 -24.52 3.31
C ALA A 318 -6.40 -23.62 2.73
N ALA A 319 -7.39 -23.29 3.54
CA ALA A 319 -8.47 -22.41 3.12
C ALA A 319 -7.93 -21.04 2.77
N THR A 320 -6.90 -20.63 3.49
CA THR A 320 -6.26 -19.36 3.23
C THR A 320 -5.64 -19.36 1.84
N MET A 321 -5.02 -20.48 1.47
CA MET A 321 -4.36 -20.59 0.17
C MET A 321 -5.36 -20.77 -0.93
N GLU A 322 -6.50 -21.34 -0.59
CA GLU A 322 -7.56 -21.56 -1.56
C GLU A 322 -8.13 -20.21 -1.96
N ASN A 323 -8.45 -19.40 -0.96
CA ASN A 323 -8.94 -18.05 -1.21
C ASN A 323 -7.90 -17.22 -1.94
N ALA A 324 -6.64 -17.39 -1.57
CA ALA A 324 -5.55 -16.66 -2.19
C ALA A 324 -5.45 -16.96 -3.69
N GLN A 325 -5.69 -18.21 -4.05
CA GLN A 325 -5.57 -18.60 -5.44
C GLN A 325 -6.74 -18.07 -6.26
N LYS A 326 -7.92 -18.05 -5.65
CA LYS A 326 -9.08 -17.46 -6.30
C LYS A 326 -8.84 -15.97 -6.50
N GLY A 327 -7.86 -15.44 -5.77
CA GLY A 327 -7.63 -14.01 -5.75
C GLY A 327 -6.52 -13.56 -6.67
N GLU A 328 -6.05 -12.34 -6.45
CA GLU A 328 -4.97 -11.77 -7.23
C GLU A 328 -4.00 -11.05 -6.31
N ILE A 329 -2.71 -11.17 -6.59
CA ILE A 329 -1.71 -10.45 -5.81
C ILE A 329 -1.89 -8.96 -6.06
N MET A 330 -1.87 -8.18 -4.99
CA MET A 330 -1.92 -6.75 -5.14
C MET A 330 -0.71 -6.32 -5.93
N PRO A 331 -0.88 -5.33 -6.81
CA PRO A 331 0.25 -4.62 -7.40
C PRO A 331 1.02 -3.88 -6.32
N ASN A 332 2.30 -3.63 -6.54
CA ASN A 332 3.09 -2.88 -5.57
C ASN A 332 3.46 -1.49 -6.07
N ILE A 333 2.89 -1.09 -7.20
CA ILE A 333 3.22 0.21 -7.81
C ILE A 333 2.84 1.37 -6.89
N PRO A 334 3.47 2.54 -7.11
CA PRO A 334 3.24 3.76 -6.32
C PRO A 334 1.77 4.20 -6.35
N GLN A 335 1.10 3.94 -7.46
CA GLN A 335 -0.27 4.41 -7.64
C GLN A 335 -1.24 3.64 -6.76
N MET A 336 -0.78 2.55 -6.14
CA MET A 336 -1.66 1.71 -5.33
C MET A 336 -2.28 2.45 -4.15
N SER A 337 -1.49 3.29 -3.49
CA SER A 337 -2.02 4.05 -2.38
C SER A 337 -3.20 4.90 -2.86
N ALA A 338 -3.04 5.54 -4.01
CA ALA A 338 -4.12 6.32 -4.60
C ALA A 338 -5.35 5.45 -4.75
N PHE A 339 -5.17 4.32 -5.43
CA PHE A 339 -6.27 3.40 -5.65
C PHE A 339 -6.99 3.06 -4.35
N TRP A 340 -6.23 2.74 -3.31
CA TRP A 340 -6.83 2.32 -2.06
C TRP A 340 -7.63 3.45 -1.43
N TYR A 341 -7.03 4.63 -1.30
CA TYR A 341 -7.73 5.80 -0.78
C TYR A 341 -9.02 6.02 -1.56
N ALA A 342 -8.92 6.00 -2.89
CA ALA A 342 -10.07 6.22 -3.76
C ALA A 342 -11.20 5.26 -3.41
N VAL A 343 -10.91 3.96 -3.45
CA VAL A 343 -11.91 2.96 -3.10
C VAL A 343 -12.43 3.05 -1.67
N ARG A 344 -11.53 3.31 -0.71
CA ARG A 344 -11.98 3.48 0.66
C ARG A 344 -13.11 4.49 0.71
N THR A 345 -12.94 5.58 -0.04
CA THR A 345 -13.92 6.66 -0.05
C THR A 345 -15.26 6.21 -0.66
N ALA A 346 -15.21 5.76 -1.91
CA ALA A 346 -16.39 5.21 -2.58
C ALA A 346 -17.17 4.29 -1.65
N VAL A 347 -16.50 3.27 -1.13
CA VAL A 347 -17.19 2.27 -0.33
C VAL A 347 -17.94 2.95 0.80
N ILE A 348 -17.23 3.81 1.52
CA ILE A 348 -17.82 4.50 2.65
C ILE A 348 -19.03 5.36 2.27
N ASN A 349 -18.88 6.20 1.25
CA ASN A 349 -19.98 7.05 0.83
C ASN A 349 -21.17 6.23 0.36
N ALA A 350 -20.90 5.19 -0.42
CA ALA A 350 -21.97 4.32 -0.88
C ALA A 350 -22.61 3.63 0.32
N ALA A 351 -21.78 3.12 1.22
CA ALA A 351 -22.27 2.39 2.37
C ALA A 351 -23.10 3.31 3.27
N SER A 352 -22.61 4.53 3.43
CA SER A 352 -23.24 5.51 4.30
C SER A 352 -24.43 6.16 3.62
N GLY A 353 -24.51 6.00 2.31
CA GLY A 353 -25.62 6.55 1.54
C GLY A 353 -25.42 7.97 1.06
N ARG A 354 -24.33 8.60 1.48
CA ARG A 354 -24.00 9.93 0.95
C ARG A 354 -24.01 9.97 -0.58
N GLN A 355 -23.67 8.84 -1.20
CA GLN A 355 -23.68 8.76 -2.65
C GLN A 355 -24.25 7.42 -3.10
N THR A 356 -24.46 7.30 -4.41
CA THR A 356 -24.92 6.04 -4.97
C THR A 356 -23.72 5.24 -5.42
N VAL A 357 -23.90 3.93 -5.51
CA VAL A 357 -22.86 3.06 -6.02
C VAL A 357 -22.28 3.61 -7.34
N ASP A 358 -23.15 3.85 -8.33
CA ASP A 358 -22.70 4.28 -9.65
C ASP A 358 -21.84 5.55 -9.59
N ALA A 359 -22.29 6.52 -8.80
CA ALA A 359 -21.59 7.78 -8.65
C ALA A 359 -20.25 7.60 -7.97
N ALA A 360 -20.27 6.96 -6.80
CA ALA A 360 -19.08 6.80 -5.96
C ALA A 360 -17.95 6.09 -6.69
N LEU A 361 -18.26 4.93 -7.27
CA LEU A 361 -17.32 4.19 -8.08
C LEU A 361 -16.81 5.03 -9.26
N ALA A 362 -17.71 5.80 -9.87
CA ALA A 362 -17.30 6.61 -11.00
C ALA A 362 -16.25 7.63 -10.56
N ALA A 363 -16.39 8.12 -9.33
CA ALA A 363 -15.45 9.10 -8.82
C ALA A 363 -14.13 8.41 -8.51
N ALA A 364 -14.21 7.21 -7.95
CA ALA A 364 -13.04 6.41 -7.62
C ALA A 364 -12.21 6.12 -8.86
N GLN A 365 -12.89 5.80 -9.96
CA GLN A 365 -12.20 5.48 -11.19
C GLN A 365 -11.42 6.70 -11.63
N THR A 366 -12.10 7.83 -11.64
CA THR A 366 -11.50 9.07 -12.08
C THR A 366 -10.28 9.35 -11.23
N ASN A 367 -10.48 9.28 -9.92
CA ASN A 367 -9.43 9.69 -9.00
C ASN A 367 -8.26 8.72 -8.89
N ALA A 368 -8.55 7.42 -8.90
CA ALA A 368 -7.48 6.44 -8.79
C ALA A 368 -6.58 6.49 -10.01
N ALA A 369 -7.10 6.97 -11.13
CA ALA A 369 -6.33 6.99 -12.36
C ALA A 369 -5.59 8.31 -12.54
N ALA A 370 -5.76 9.22 -11.59
CA ALA A 370 -5.11 10.54 -11.65
C ALA A 370 -3.71 10.52 -11.06
N ARG A 371 -2.71 10.93 -11.84
CA ARG A 371 -1.34 10.99 -11.35
C ARG A 371 -1.21 12.03 -10.25
N ARG A 372 -0.45 11.70 -9.22
CA ARG A 372 -0.24 12.59 -8.08
C ARG A 372 1.02 13.43 -8.26
N CYS A 373 1.05 14.60 -7.64
CA CYS A 373 2.19 15.49 -7.83
C CYS A 373 3.50 14.89 -7.31
N GLN A 374 3.47 14.38 -6.08
CA GLN A 374 4.70 13.89 -5.45
C GLN A 374 5.37 12.82 -6.30
N SER A 375 4.57 11.92 -6.84
CA SER A 375 5.07 10.91 -7.75
C SER A 375 5.78 11.56 -8.94
N GLN A 376 5.09 12.46 -9.64
CA GLN A 376 5.67 13.10 -10.81
C GLN A 376 6.97 13.84 -10.49
N LEU A 377 7.01 14.52 -9.36
CA LEU A 377 8.21 15.20 -8.92
C LEU A 377 9.40 14.25 -8.73
N GLU A 378 9.17 13.16 -8.02
CA GLU A 378 10.23 12.18 -7.80
C GLU A 378 10.79 11.69 -9.12
N ARG A 379 9.91 11.37 -10.05
CA ARG A 379 10.31 10.80 -11.33
C ARG A 379 10.97 11.85 -12.22
N ALA A 380 10.76 13.11 -11.91
CA ALA A 380 11.31 14.18 -12.73
C ALA A 380 12.83 14.27 -12.61
N ASN A 381 13.47 14.46 -13.75
CA ASN A 381 14.88 14.79 -13.78
C ASN A 381 15.04 16.18 -14.35
N LEU A 382 15.15 17.17 -13.46
CA LEU A 382 15.01 18.56 -13.85
C LEU A 382 16.32 19.24 -14.21
N ARG A 383 17.41 18.50 -14.11
CA ARG A 383 18.73 19.00 -14.48
C ARG A 383 18.70 19.78 -15.79
N PRO A 384 18.20 19.15 -16.87
CA PRO A 384 18.20 19.80 -18.20
C PRO A 384 17.66 21.21 -18.12
N CYS A 385 16.61 21.39 -17.33
CA CYS A 385 16.02 22.71 -17.16
C CYS A 385 17.00 23.62 -16.44
N GLU A 386 17.67 23.09 -15.43
CA GLU A 386 18.67 23.85 -14.69
C GLU A 386 19.75 24.35 -15.65
N GLN A 387 20.42 23.41 -16.30
CA GLN A 387 21.45 23.75 -17.29
C GLN A 387 20.95 24.79 -18.30
N HIS A 388 19.80 24.53 -18.89
CA HIS A 388 19.25 25.45 -19.87
C HIS A 388 19.20 26.87 -19.34
N LEU A 389 18.50 27.07 -18.23
CA LEU A 389 18.32 28.42 -17.69
C LEU A 389 19.63 29.14 -17.40
N MET A 390 20.57 28.44 -16.76
CA MET A 390 21.87 29.02 -16.48
C MET A 390 22.46 29.61 -17.74
N GLN A 391 22.65 28.76 -18.73
CA GLN A 391 23.20 29.18 -20.01
C GLN A 391 22.50 30.40 -20.58
N LYS A 392 21.18 30.32 -20.69
CA LYS A 392 20.39 31.39 -21.29
C LYS A 392 20.70 32.74 -20.67
N ILE A 393 21.13 32.73 -19.42
CA ILE A 393 21.46 33.97 -18.72
C ILE A 393 22.72 34.64 -19.25
N GLN A 394 23.73 33.83 -19.58
CA GLN A 394 24.96 34.34 -20.17
C GLN A 394 24.67 35.02 -21.50
N ARG A 395 23.87 34.35 -22.33
CA ARG A 395 23.55 34.86 -23.66
C ARG A 395 22.66 36.10 -23.62
N ASP A 396 22.18 36.46 -22.42
CA ASP A 396 21.35 37.65 -22.25
C ASP A 396 22.11 38.74 -21.53
N GLU A 397 23.40 38.51 -21.34
CA GLU A 397 24.27 39.51 -20.70
C GLU A 397 24.83 40.48 -21.72
N ASP A 398 24.13 40.63 -22.85
CA ASP A 398 24.53 41.56 -23.91
C ASP A 398 23.81 41.24 -25.22
N SER A 399 22.48 41.19 -25.18
CA SER A 399 21.71 40.92 -26.39
C SER A 399 20.29 41.48 -26.28
N ARG A 402 13.12 41.11 -27.02
CA ARG A 402 11.87 41.65 -26.51
C ARG A 402 11.80 41.49 -24.99
N ASP A 403 11.09 42.40 -24.33
CA ASP A 403 10.99 42.42 -22.87
C ASP A 403 12.36 42.22 -22.19
N PRO A 404 13.30 43.14 -22.45
CA PRO A 404 14.66 43.07 -21.90
C PRO A 404 14.65 43.27 -20.39
N TYR A 405 15.66 42.76 -19.70
CA TYR A 405 15.70 42.87 -18.25
C TYR A 405 16.31 44.20 -17.79
N SER A 406 17.42 44.56 -18.42
CA SER A 406 18.17 45.74 -18.05
C SER A 406 18.43 46.59 -19.29
N PRO A 407 18.86 47.84 -19.09
CA PRO A 407 19.27 48.73 -20.19
C PRO A 407 20.45 48.15 -20.96
N SER A 408 21.07 47.11 -20.41
CA SER A 408 22.19 46.44 -21.05
C SER A 408 21.69 45.45 -22.12
N GLN A 409 20.54 44.86 -21.86
CA GLN A 409 19.94 43.91 -22.79
C GLN A 409 19.19 44.62 -23.91
N ASP A 410 19.36 45.95 -23.98
CA ASP A 410 18.65 46.75 -24.97
C ASP A 410 19.62 47.64 -25.76
N PRO A 411 20.45 47.02 -26.61
CA PRO A 411 21.41 47.74 -27.47
C PRO A 411 20.69 48.43 -28.64
N HIS A 427 19.34 21.94 -25.18
CA HIS A 427 18.82 21.61 -23.86
C HIS A 427 17.34 21.96 -23.69
N GLN A 428 16.88 23.02 -24.34
CA GLN A 428 15.51 23.50 -24.14
C GLN A 428 14.50 22.39 -24.39
N GLU A 429 14.69 21.63 -25.46
CA GLU A 429 13.76 20.56 -25.77
C GLU A 429 13.69 19.54 -24.63
N ARG A 430 14.83 18.97 -24.26
CA ARG A 430 14.85 17.94 -23.22
C ARG A 430 14.22 18.45 -21.93
N CYS A 431 14.50 19.71 -21.61
CA CYS A 431 13.87 20.37 -20.47
C CYS A 431 12.35 20.34 -20.58
N CYS A 432 11.83 20.86 -21.69
CA CYS A 432 10.40 20.93 -21.90
C CYS A 432 9.80 19.54 -21.87
N ASN A 433 10.53 18.59 -22.43
CA ASN A 433 10.11 17.21 -22.40
C ASN A 433 9.78 16.80 -20.95
N GLU A 434 10.61 17.26 -20.01
CA GLU A 434 10.42 16.96 -18.60
C GLU A 434 9.24 17.72 -18.00
N LEU A 435 9.14 19.01 -18.31
CA LEU A 435 8.04 19.82 -17.81
C LEU A 435 6.69 19.38 -18.35
N ASN A 436 6.68 18.74 -19.52
CA ASN A 436 5.44 18.23 -20.11
C ASN A 436 4.61 17.45 -19.10
N GLU A 437 5.30 16.85 -18.14
CA GLU A 437 4.66 15.98 -17.15
C GLU A 437 3.78 16.73 -16.17
N PHE A 438 3.88 18.06 -16.16
CA PHE A 438 3.10 18.83 -15.20
C PHE A 438 2.06 19.68 -15.91
N GLU A 439 1.71 19.26 -17.10
CA GLU A 439 0.80 20.01 -17.95
C GLU A 439 -0.67 19.95 -17.49
N ASN A 440 -1.01 18.98 -16.64
CA ASN A 440 -2.40 18.82 -16.20
C ASN A 440 -2.66 19.18 -14.75
N ASN A 441 -1.61 19.70 -14.10
CA ASN A 441 -1.67 20.11 -12.70
C ASN A 441 -0.76 21.31 -12.48
N GLN A 442 -1.35 22.50 -12.42
CA GLN A 442 -0.54 23.71 -12.36
C GLN A 442 0.16 23.90 -11.01
N ARG A 443 -0.53 23.58 -9.92
CA ARG A 443 0.11 23.62 -8.61
C ARG A 443 1.41 22.84 -8.70
N CYS A 444 1.32 21.67 -9.34
CA CYS A 444 2.47 20.82 -9.54
C CYS A 444 3.54 21.48 -10.42
N MET A 445 3.12 22.06 -11.54
CA MET A 445 4.06 22.80 -12.39
C MET A 445 4.83 23.77 -11.51
N CYS A 446 4.11 24.46 -10.64
CA CYS A 446 4.76 25.37 -9.71
C CYS A 446 5.82 24.66 -8.88
N GLU A 447 5.42 23.57 -8.23
CA GLU A 447 6.37 22.85 -7.40
C GLU A 447 7.61 22.49 -8.19
N ALA A 448 7.43 22.04 -9.43
CA ALA A 448 8.58 21.69 -10.25
C ALA A 448 9.50 22.89 -10.43
N LEU A 449 8.92 24.06 -10.62
CA LEU A 449 9.74 25.25 -10.77
C LEU A 449 10.46 25.55 -9.46
N GLN A 450 9.75 25.41 -8.34
CA GLN A 450 10.34 25.60 -7.02
C GLN A 450 11.53 24.69 -6.77
N GLN A 451 11.39 23.43 -7.16
CA GLN A 451 12.45 22.46 -7.01
C GLN A 451 13.67 22.91 -7.81
N ILE A 452 13.43 23.41 -9.03
CA ILE A 452 14.52 23.90 -9.86
C ILE A 452 15.25 25.05 -9.16
N MET A 453 14.48 26.02 -8.67
CA MET A 453 15.03 27.14 -7.93
C MET A 453 15.92 26.65 -6.81
N GLU A 454 15.36 25.84 -5.92
CA GLU A 454 16.10 25.34 -4.78
C GLU A 454 17.44 24.74 -5.21
N ASN A 455 17.40 23.91 -6.24
CA ASN A 455 18.61 23.21 -6.66
C ASN A 455 19.64 24.11 -7.31
N GLN A 456 19.46 25.41 -7.21
CA GLN A 456 20.38 26.35 -7.86
C GLN A 456 20.70 27.57 -7.03
N SER A 457 19.86 27.87 -6.04
CA SER A 457 20.04 29.08 -5.26
C SER A 457 21.46 29.19 -4.73
N ASP A 458 22.06 28.05 -4.42
CA ASP A 458 23.42 28.03 -3.87
C ASP A 458 24.48 28.24 -4.94
N ARG A 459 24.16 27.87 -6.18
CA ARG A 459 25.11 27.99 -7.28
C ARG A 459 25.03 29.36 -7.94
N LEU A 460 24.15 30.20 -7.40
CA LEU A 460 23.94 31.53 -7.97
C LEU A 460 24.74 32.60 -7.23
N GLN A 461 25.84 33.02 -7.84
CA GLN A 461 26.69 34.06 -7.27
C GLN A 461 25.93 35.36 -6.99
N GLY A 462 25.73 36.17 -8.03
CA GLY A 462 25.15 37.49 -7.86
C GLY A 462 23.72 37.48 -7.37
N ARG A 463 23.08 38.65 -7.41
CA ARG A 463 21.65 38.75 -7.16
C ARG A 463 20.93 39.15 -8.44
N GLN A 464 21.55 40.02 -9.23
CA GLN A 464 21.00 40.30 -10.55
C GLN A 464 20.83 38.93 -11.19
N GLN A 465 21.77 38.04 -10.87
CA GLN A 465 21.76 36.68 -11.38
C GLN A 465 20.50 35.96 -10.94
N GLU A 466 20.26 35.94 -9.63
CA GLU A 466 19.13 35.22 -9.06
C GLU A 466 17.76 35.66 -9.59
N GLN A 467 17.50 36.96 -9.61
CA GLN A 467 16.19 37.42 -10.03
C GLN A 467 16.01 37.38 -11.54
N GLN A 468 17.13 37.43 -12.26
CA GLN A 468 17.08 37.26 -13.71
C GLN A 468 16.95 35.78 -14.03
N PHE A 469 16.96 34.97 -12.98
CA PHE A 469 16.78 33.53 -13.11
C PHE A 469 15.33 33.23 -12.80
N LYS A 470 14.83 33.82 -11.72
CA LYS A 470 13.44 33.68 -11.34
C LYS A 470 12.52 34.03 -12.50
N ARG A 471 12.73 35.19 -13.11
CA ARG A 471 11.86 35.64 -14.19
C ARG A 471 11.92 34.72 -15.40
N GLU A 472 13.13 34.29 -15.76
CA GLU A 472 13.29 33.28 -16.82
C GLU A 472 12.57 31.98 -16.44
N LEU A 473 12.88 31.48 -15.26
CA LEU A 473 12.25 30.29 -14.76
C LEU A 473 10.74 30.43 -14.84
N ARG A 474 10.23 31.62 -14.51
CA ARG A 474 8.79 31.81 -14.40
C ARG A 474 8.02 31.62 -15.72
N ASN A 475 8.59 32.08 -16.83
CA ASN A 475 7.92 31.87 -18.10
C ASN A 475 8.56 30.73 -18.90
N LEU A 476 9.13 29.78 -18.17
CA LEU A 476 9.67 28.58 -18.80
C LEU A 476 8.55 27.70 -19.36
N PRO A 477 7.47 27.52 -18.60
CA PRO A 477 6.40 26.70 -19.16
C PRO A 477 5.89 27.28 -20.48
N GLN A 478 5.67 28.59 -20.52
CA GLN A 478 5.19 29.24 -21.74
C GLN A 478 6.15 29.01 -22.92
N GLN A 479 7.44 28.97 -22.62
CA GLN A 479 8.44 28.70 -23.64
C GLN A 479 8.26 27.30 -24.21
N CYS A 480 7.77 26.39 -23.38
CA CYS A 480 7.57 24.99 -23.79
C CYS A 480 6.18 24.77 -24.35
N GLY A 481 5.41 25.85 -24.50
CA GLY A 481 4.03 25.73 -24.92
C GLY A 481 3.18 25.03 -23.87
N LEU A 482 3.61 25.06 -22.61
CA LEU A 482 2.89 24.40 -21.54
C LEU A 482 2.10 25.39 -20.67
N ARG A 483 1.18 24.86 -19.87
CA ARG A 483 0.37 25.69 -18.98
C ARG A 483 1.13 26.02 -17.70
N ALA A 484 0.78 27.15 -17.09
CA ALA A 484 1.57 27.69 -16.00
C ALA A 484 0.69 28.02 -14.81
N PRO A 485 1.30 28.08 -13.61
CA PRO A 485 0.51 28.39 -12.42
C PRO A 485 0.05 29.83 -12.46
N GLN A 486 -1.08 30.12 -11.83
CA GLN A 486 -1.51 31.50 -11.65
C GLN A 486 -0.53 32.22 -10.73
N ARG A 487 -0.30 31.64 -9.56
CA ARG A 487 0.69 32.16 -8.62
C ARG A 487 1.77 31.12 -8.39
N CYS A 488 2.97 31.58 -8.06
CA CYS A 488 4.06 30.68 -7.74
C CYS A 488 5.17 31.40 -6.99
N ASP A 489 5.20 31.20 -5.69
CA ASP A 489 6.25 31.76 -4.84
C ASP A 489 7.58 31.06 -5.03
N LEU A 490 8.60 31.81 -5.40
CA LEU A 490 9.93 31.24 -5.62
C LEU A 490 10.95 31.68 -4.56
N ASP A 491 10.56 31.58 -3.29
CA ASP A 491 11.45 31.93 -2.18
C ASP A 491 12.79 31.24 -2.29
#